data_3E6B
#
_entry.id   3E6B
#
_cell.length_a   42.500
_cell.length_b   86.510
_cell.length_c   125.230
_cell.angle_alpha   90.00
_cell.angle_beta   90.00
_cell.angle_gamma   90.00
#
_symmetry.space_group_name_H-M   'P 21 21 21'
#
loop_
_entity.id
_entity.type
_entity.pdbx_description
1 polymer 'Cyclic nucleotide-binding protein'
2 non-polymer '(3-CHLORO-4-HYDROXYPHENYL)ACETIC ACID'
3 water water
#
_entity_poly.entity_id   1
_entity_poly.type   'polypeptide(L)'
_entity_poly.pdbx_seq_one_letter_code
;MSVEGLGKDFCGAIIPDNFFPIEKLRNYTQMGLIRDFAKGSAVIMPGEEITSMIFLVEGKIKLDIIFEDGSEKLLYYAGG
NSLIGKLYPTGNNIYATAMEPTRTCWFSEKSLRTVFRTDEDMIFEIFKNYLTKVAYYARQVAEMNTYNPTIRILRLFYEL
CSSQGKRVGDTYEITMPLSQKSIGEITGVHHVTVSRVLASLKRENILDKKKNKIIVYNLGELKHLSEQTSYYSDPNSSSV
DKLAAALDHH
;
_entity_poly.pdbx_strand_id   A,B
#
loop_
_chem_comp.id
_chem_comp.type
_chem_comp.name
_chem_comp.formula
3C4 non-polymer '(3-CHLORO-4-HYDROXYPHENYL)ACETIC ACID' 'C8 H7 Cl O3'
#
# COMPACT_ATOMS: atom_id res chain seq x y z
N ASP A 17 -9.08 9.10 -1.84
CA ASP A 17 -10.31 9.87 -1.44
C ASP A 17 -11.57 8.93 -1.25
N ASN A 18 -12.77 9.54 -1.27
CA ASN A 18 -14.02 8.95 -0.78
C ASN A 18 -14.26 7.44 -0.92
N PHE A 19 -14.48 6.80 0.22
CA PHE A 19 -14.78 5.38 0.27
C PHE A 19 -16.20 5.14 0.66
N PHE A 20 -16.82 4.22 -0.13
CA PHE A 20 -18.26 3.94 -0.14
C PHE A 20 -18.93 4.75 1.00
N PRO A 21 -19.00 6.10 0.82
CA PRO A 21 -19.62 6.87 1.88
C PRO A 21 -20.73 6.01 2.53
N ILE A 22 -20.78 5.92 3.85
CA ILE A 22 -21.96 5.30 4.43
C ILE A 22 -22.99 6.34 4.85
N GLU A 23 -23.74 6.86 3.87
CA GLU A 23 -24.68 7.96 4.17
C GLU A 23 -25.79 7.56 5.15
N LYS A 24 -26.14 6.28 5.21
CA LYS A 24 -27.22 5.80 6.11
C LYS A 24 -26.81 5.80 7.56
N LEU A 25 -25.50 5.76 7.83
CA LEU A 25 -25.03 5.97 9.19
C LEU A 25 -25.45 7.28 9.79
N ARG A 26 -25.73 8.30 8.95
CA ARG A 26 -26.28 9.61 9.40
C ARG A 26 -27.42 9.41 10.38
N ASN A 27 -28.28 8.42 10.12
CA ASN A 27 -29.49 8.17 10.93
C ASN A 27 -29.28 7.59 12.29
N TYR A 28 -28.05 7.16 12.60
CA TYR A 28 -27.79 6.48 13.87
C TYR A 28 -26.78 7.18 14.72
N THR A 29 -26.44 8.43 14.40
CA THR A 29 -25.39 9.16 15.16
C THR A 29 -25.79 9.40 16.63
N GLN A 30 -27.10 9.37 16.90
CA GLN A 30 -27.57 9.43 18.28
C GLN A 30 -27.13 8.24 19.15
N MET A 31 -26.67 7.14 18.52
CA MET A 31 -26.21 5.92 19.23
C MET A 31 -24.69 5.85 19.49
N GLY A 32 -23.92 6.81 18.94
CA GLY A 32 -22.48 6.94 19.22
C GLY A 32 -22.14 8.23 19.95
N LEU A 33 -20.85 8.53 20.10
CA LEU A 33 -20.37 9.79 20.71
C LEU A 33 -19.94 10.85 19.66
N ILE A 34 -20.61 12.01 19.67
CA ILE A 34 -20.17 13.17 18.85
C ILE A 34 -18.86 13.72 19.37
N ARG A 35 -17.95 13.99 18.44
CA ARG A 35 -16.67 14.61 18.76
C ARG A 35 -16.44 15.61 17.63
N ASP A 36 -16.44 16.91 17.95
CA ASP A 36 -16.06 17.95 16.97
C ASP A 36 -14.56 18.30 17.10
N PHE A 37 -13.92 18.63 15.98
CA PHE A 37 -12.48 18.91 15.90
C PHE A 37 -12.23 20.21 15.10
N ALA A 38 -11.45 21.13 15.65
CA ALA A 38 -11.12 22.37 14.95
C ALA A 38 -10.04 22.09 13.91
N LYS A 39 -10.03 22.85 12.81
CA LYS A 39 -8.89 22.80 11.83
C LYS A 39 -7.50 22.50 12.43
N GLY A 40 -6.84 21.45 11.96
CA GLY A 40 -5.50 21.10 12.42
C GLY A 40 -5.33 20.27 13.68
N SER A 41 -6.41 19.96 14.40
CA SER A 41 -6.35 19.06 15.58
C SER A 41 -6.29 17.56 15.22
N ALA A 42 -5.54 16.78 16.00
CA ALA A 42 -5.31 15.38 15.67
C ALA A 42 -6.51 14.52 16.07
N VAL A 43 -7.28 14.03 15.08
CA VAL A 43 -8.39 13.10 15.41
C VAL A 43 -7.88 11.75 15.92
N ILE A 44 -6.78 11.24 15.36
CA ILE A 44 -6.06 10.09 15.91
C ILE A 44 -4.61 10.50 16.14
N MET A 45 -4.08 10.17 17.31
CA MET A 45 -2.72 10.51 17.66
C MET A 45 -1.78 9.31 17.43
N PRO A 46 -0.50 9.56 17.04
CA PRO A 46 0.49 8.50 16.85
C PRO A 46 0.57 7.60 18.07
N GLY A 47 0.44 6.30 17.87
CA GLY A 47 0.47 5.36 18.97
C GLY A 47 -0.81 5.33 19.79
N GLU A 48 -1.79 6.15 19.39
CA GLU A 48 -3.15 6.05 19.94
C GLU A 48 -3.86 4.82 19.40
N GLU A 49 -4.30 4.00 20.35
CA GLU A 49 -5.01 2.78 20.08
C GLU A 49 -6.53 3.09 19.99
N ILE A 50 -7.00 3.08 18.76
CA ILE A 50 -8.39 3.29 18.41
C ILE A 50 -9.16 1.92 18.33
N THR A 51 -10.33 1.93 18.98
CA THR A 51 -11.22 0.78 19.06
C THR A 51 -12.67 1.24 18.83
N SER A 52 -12.86 2.01 17.76
CA SER A 52 -14.09 2.65 17.36
C SER A 52 -14.05 2.85 15.87
N MET A 53 -15.21 2.72 15.22
CA MET A 53 -15.35 3.27 13.89
C MET A 53 -15.68 4.76 14.02
N ILE A 54 -15.10 5.57 13.13
CA ILE A 54 -15.30 7.04 13.07
C ILE A 54 -16.04 7.42 11.80
N PHE A 55 -17.27 7.91 11.97
CA PHE A 55 -18.11 8.42 10.91
C PHE A 55 -17.86 9.95 10.71
N LEU A 56 -17.66 10.38 9.47
CA LEU A 56 -17.45 11.83 9.25
C LEU A 56 -18.75 12.46 8.89
N VAL A 57 -19.31 13.19 9.84
CA VAL A 57 -20.61 13.86 9.61
C VAL A 57 -20.41 15.05 8.62
N GLU A 58 -19.41 15.89 8.88
CA GLU A 58 -18.94 16.89 7.89
C GLU A 58 -17.57 17.35 8.27
N GLY A 59 -16.82 17.80 7.28
CA GLY A 59 -15.43 18.13 7.50
C GLY A 59 -14.59 17.43 6.47
N LYS A 60 -13.29 17.36 6.76
CA LYS A 60 -12.28 16.70 5.93
C LYS A 60 -11.23 16.22 6.88
N ILE A 61 -10.78 14.99 6.68
CA ILE A 61 -9.76 14.43 7.53
C ILE A 61 -8.72 13.80 6.64
N LYS A 62 -7.46 14.05 6.98
CA LYS A 62 -6.36 13.46 6.28
C LYS A 62 -5.79 12.42 7.24
N LEU A 63 -5.68 11.21 6.71
CA LEU A 63 -5.25 10.06 7.47
C LEU A 63 -3.93 9.52 6.88
N ASP A 64 -2.89 9.44 7.72
CA ASP A 64 -1.57 8.97 7.31
C ASP A 64 -1.18 7.74 8.09
N ILE A 65 -0.27 6.96 7.53
CA ILE A 65 0.45 5.90 8.24
C ILE A 65 1.84 6.43 8.62
N ILE A 66 2.35 5.99 9.76
CA ILE A 66 3.64 6.42 10.22
C ILE A 66 4.45 5.15 10.34
N PHE A 67 5.48 5.02 9.52
CA PHE A 67 6.23 3.76 9.50
C PHE A 67 7.18 3.75 10.67
N GLU A 68 7.71 2.57 11.01
CA GLU A 68 8.58 2.43 12.18
C GLU A 68 9.89 3.25 12.15
N ASP A 69 10.07 4.10 11.13
CA ASP A 69 11.25 4.96 10.97
C ASP A 69 10.86 6.45 11.05
N GLY A 70 9.59 6.71 11.37
CA GLY A 70 9.09 8.07 11.45
C GLY A 70 8.66 8.74 10.16
N SER A 71 8.77 8.06 9.03
CA SER A 71 8.18 8.63 7.80
C SER A 71 6.64 8.58 7.80
N GLU A 72 6.05 9.64 7.25
CA GLU A 72 4.62 9.81 7.32
C GLU A 72 4.03 9.85 5.91
N LYS A 73 3.31 8.79 5.57
CA LYS A 73 2.74 8.65 4.24
C LYS A 73 1.21 8.72 4.26
N LEU A 74 0.67 9.40 3.26
CA LEU A 74 -0.78 9.54 3.15
C LEU A 74 -1.39 8.20 2.74
N LEU A 75 -2.53 7.89 3.37
CA LEU A 75 -3.36 6.74 3.02
C LEU A 75 -4.57 7.26 2.26
N TYR A 76 -5.35 8.11 2.92
CA TYR A 76 -6.46 8.70 2.22
C TYR A 76 -6.95 9.98 2.84
N TYR A 77 -7.76 10.68 2.05
CA TYR A 77 -8.56 11.82 2.48
C TYR A 77 -9.99 11.38 2.74
N ALA A 78 -10.53 11.77 3.90
CA ALA A 78 -11.89 11.43 4.27
C ALA A 78 -12.73 12.71 4.36
N GLY A 79 -13.91 12.70 3.76
CA GLY A 79 -14.84 13.84 3.80
C GLY A 79 -16.20 13.42 4.33
N GLY A 80 -17.22 14.26 4.14
CA GLY A 80 -18.56 14.00 4.68
C GLY A 80 -19.04 12.59 4.32
N ASN A 81 -19.64 11.90 5.28
CA ASN A 81 -20.15 10.50 5.14
C ASN A 81 -19.13 9.36 5.08
N SER A 82 -17.84 9.67 5.13
CA SER A 82 -16.76 8.66 5.17
C SER A 82 -16.80 7.88 6.48
N LEU A 83 -16.26 6.65 6.43
CA LEU A 83 -16.07 5.80 7.60
C LEU A 83 -14.61 5.43 7.76
N ILE A 84 -14.09 5.66 8.96
CA ILE A 84 -12.76 5.17 9.37
C ILE A 84 -13.01 3.86 10.14
N GLY A 85 -12.63 2.73 9.53
CA GLY A 85 -13.03 1.38 10.00
C GLY A 85 -12.13 0.71 11.05
N LYS A 86 -11.50 1.54 11.87
CA LYS A 86 -10.47 1.15 12.86
C LYS A 86 -11.00 0.68 14.22
N LEU A 87 -11.88 -0.32 14.15
CA LEU A 87 -12.60 -0.81 15.31
C LEU A 87 -11.67 -1.65 16.18
N TYR A 88 -10.60 -2.20 15.59
CA TYR A 88 -9.64 -3.01 16.34
C TYR A 88 -8.18 -2.62 16.02
N PRO A 89 -7.20 -3.02 16.89
CA PRO A 89 -5.75 -2.86 16.57
C PRO A 89 -5.33 -3.51 15.26
N THR A 90 -4.51 -2.79 14.49
CA THR A 90 -4.14 -3.17 13.12
C THR A 90 -2.65 -3.41 12.86
N GLY A 91 -1.78 -2.89 13.72
CA GLY A 91 -0.35 -3.01 13.44
C GLY A 91 0.20 -1.83 12.66
N ASN A 92 -0.68 -1.01 12.08
CA ASN A 92 -0.29 0.26 11.47
C ASN A 92 -0.43 1.39 12.47
N ASN A 93 0.59 2.22 12.56
CA ASN A 93 0.55 3.40 13.42
C ASN A 93 -0.08 4.53 12.62
N ILE A 94 -1.25 4.98 13.04
CA ILE A 94 -2.04 5.92 12.25
C ILE A 94 -2.09 7.29 12.90
N TYR A 95 -2.13 8.30 12.06
CA TYR A 95 -2.15 9.68 12.48
C TYR A 95 -3.10 10.44 11.59
N ALA A 96 -4.19 10.93 12.16
CA ALA A 96 -5.21 11.57 11.38
C ALA A 96 -5.48 12.94 11.97
N THR A 97 -5.62 13.94 11.10
CA THR A 97 -5.87 15.31 11.50
C THR A 97 -7.02 15.91 10.73
N ALA A 98 -7.76 16.78 11.41
CA ALA A 98 -8.81 17.57 10.81
C ALA A 98 -8.20 18.64 9.90
N MET A 99 -8.89 18.89 8.78
CA MET A 99 -8.43 19.86 7.80
C MET A 99 -9.42 20.99 7.64
N GLU A 100 -10.53 20.90 8.37
CA GLU A 100 -11.53 21.94 8.48
C GLU A 100 -12.15 21.73 9.85
N PRO A 101 -13.11 22.59 10.25
CA PRO A 101 -14.06 22.22 11.32
C PRO A 101 -14.76 20.89 10.99
N THR A 102 -14.37 19.84 11.72
CA THR A 102 -14.91 18.51 11.46
C THR A 102 -15.71 18.00 12.66
N ARG A 103 -16.93 17.60 12.36
CA ARG A 103 -17.81 16.92 13.27
C ARG A 103 -17.76 15.42 12.95
N THR A 104 -17.45 14.61 13.97
CA THR A 104 -17.49 13.16 13.83
C THR A 104 -18.39 12.46 14.89
N CYS A 105 -18.90 11.28 14.51
CA CYS A 105 -19.58 10.35 15.45
C CYS A 105 -18.75 9.07 15.62
N TRP A 106 -18.37 8.76 16.86
CA TRP A 106 -17.55 7.60 17.20
C TRP A 106 -18.43 6.43 17.67
N PHE A 107 -18.16 5.24 17.15
CA PHE A 107 -19.05 4.08 17.34
C PHE A 107 -18.20 2.98 17.88
N SER A 108 -18.24 2.78 19.19
CA SER A 108 -17.54 1.65 19.79
C SER A 108 -18.23 0.36 19.38
N GLU A 109 -17.64 -0.80 19.68
CA GLU A 109 -18.30 -2.10 19.41
C GLU A 109 -19.72 -2.22 20.03
N LYS A 110 -19.84 -1.78 21.27
CA LYS A 110 -21.09 -1.71 22.04
C LYS A 110 -22.19 -0.90 21.32
N SER A 111 -21.86 0.31 20.89
CA SER A 111 -22.79 1.14 20.17
C SER A 111 -23.16 0.60 18.75
N LEU A 112 -22.20 0.00 18.04
CA LEU A 112 -22.54 -0.75 16.79
C LEU A 112 -23.55 -1.87 17.04
N ARG A 113 -23.42 -2.64 18.15
CA ARG A 113 -24.43 -3.68 18.46
C ARG A 113 -25.83 -3.02 18.53
N THR A 114 -25.93 -1.90 19.23
CA THR A 114 -27.20 -1.14 19.30
C THR A 114 -27.70 -0.75 17.91
N VAL A 115 -26.82 -0.24 17.04
CA VAL A 115 -27.20 0.02 15.64
C VAL A 115 -27.75 -1.25 14.93
N PHE A 116 -27.02 -2.39 15.03
CA PHE A 116 -27.42 -3.61 14.29
C PHE A 116 -28.72 -4.22 14.74
N ARG A 117 -28.96 -4.11 16.04
CA ARG A 117 -30.19 -4.58 16.63
C ARG A 117 -31.40 -3.73 16.19
N THR A 118 -31.18 -2.46 15.85
CA THR A 118 -32.22 -1.53 15.26
C THR A 118 -32.45 -1.77 13.73
N ASP A 119 -31.36 -1.92 13.00
CA ASP A 119 -31.40 -2.05 11.56
C ASP A 119 -30.24 -2.95 11.14
N GLU A 120 -30.61 -4.16 10.75
CA GLU A 120 -29.68 -5.20 10.34
C GLU A 120 -28.98 -4.86 9.05
N ASP A 121 -29.60 -3.99 8.23
CA ASP A 121 -29.00 -3.65 6.93
C ASP A 121 -27.72 -2.94 7.11
N MET A 122 -27.56 -2.25 8.23
CA MET A 122 -26.34 -1.51 8.52
C MET A 122 -25.06 -2.41 8.57
N ILE A 123 -25.21 -3.66 8.97
CA ILE A 123 -24.08 -4.63 8.99
C ILE A 123 -23.50 -4.70 7.58
N PHE A 124 -24.39 -4.85 6.58
CA PHE A 124 -24.02 -4.97 5.16
C PHE A 124 -23.53 -3.74 4.43
N GLU A 125 -24.00 -2.56 4.86
CA GLU A 125 -23.42 -1.26 4.48
C GLU A 125 -21.97 -1.16 4.95
N ILE A 126 -21.71 -1.66 6.12
CA ILE A 126 -20.36 -1.57 6.64
C ILE A 126 -19.48 -2.58 5.90
N PHE A 127 -20.00 -3.78 5.62
CA PHE A 127 -19.25 -4.79 4.76
C PHE A 127 -18.91 -4.19 3.40
N LYS A 128 -19.87 -3.48 2.79
CA LYS A 128 -19.67 -2.85 1.48
C LYS A 128 -18.55 -1.85 1.55
N ASN A 129 -18.52 -1.04 2.62
CA ASN A 129 -17.51 -0.06 2.78
C ASN A 129 -16.10 -0.70 2.90
N TYR A 130 -15.92 -1.66 3.81
CA TYR A 130 -14.67 -2.42 3.92
C TYR A 130 -14.30 -3.07 2.60
N LEU A 131 -15.29 -3.65 1.92
CA LEU A 131 -15.05 -4.36 0.66
C LEU A 131 -14.48 -3.41 -0.46
N THR A 132 -15.16 -2.26 -0.64
CA THR A 132 -14.67 -1.13 -1.46
C THR A 132 -13.20 -0.76 -1.21
N LYS A 133 -12.81 -0.69 0.06
CA LYS A 133 -11.44 -0.39 0.42
C LYS A 133 -10.47 -1.54 0.05
N VAL A 134 -10.84 -2.81 0.28
CA VAL A 134 -9.93 -3.95 -0.04
C VAL A 134 -9.72 -4.00 -1.58
N ALA A 135 -10.82 -3.79 -2.32
CA ALA A 135 -10.87 -3.85 -3.78
C ALA A 135 -9.95 -2.75 -4.30
N TYR A 136 -10.17 -1.55 -3.83
CA TYR A 136 -9.30 -0.39 -4.12
C TYR A 136 -7.79 -0.57 -3.86
N TYR A 137 -7.39 -0.78 -2.62
CA TYR A 137 -5.98 -0.97 -2.30
C TYR A 137 -5.33 -2.22 -2.92
N ALA A 138 -6.00 -3.38 -2.88
CA ALA A 138 -5.48 -4.58 -3.50
C ALA A 138 -5.18 -4.41 -4.99
N ARG A 139 -6.03 -3.66 -5.69
CA ARG A 139 -5.91 -3.49 -7.12
C ARG A 139 -4.68 -2.61 -7.38
N GLN A 140 -4.48 -1.61 -6.53
CA GLN A 140 -3.31 -0.73 -6.66
C GLN A 140 -1.99 -1.42 -6.40
N VAL A 141 -1.98 -2.31 -5.43
CA VAL A 141 -0.77 -3.08 -5.16
C VAL A 141 -0.46 -3.86 -6.43
N ALA A 142 -1.50 -4.45 -7.03
CA ALA A 142 -1.35 -5.31 -8.20
C ALA A 142 -0.88 -4.52 -9.42
N GLU A 143 -1.53 -3.37 -9.67
CA GLU A 143 -1.21 -2.51 -10.80
C GLU A 143 0.27 -2.17 -10.81
N MET A 144 0.82 -1.90 -9.63
CA MET A 144 2.25 -1.72 -9.45
C MET A 144 2.89 -3.04 -9.05
N ASN A 148 7.38 -3.60 -15.68
CA ASN A 148 8.35 -4.24 -14.79
C ASN A 148 9.17 -3.21 -14.02
N PRO A 149 8.74 -2.93 -12.75
CA PRO A 149 9.39 -1.99 -11.85
C PRO A 149 10.87 -2.31 -11.58
N THR A 150 11.26 -3.54 -11.86
CA THR A 150 12.63 -4.05 -11.67
C THR A 150 13.67 -3.31 -12.51
N ILE A 151 13.29 -2.91 -13.71
CA ILE A 151 14.16 -2.18 -14.62
C ILE A 151 14.69 -0.87 -14.00
N ARG A 152 13.89 -0.29 -13.11
CA ARG A 152 14.26 0.95 -12.44
C ARG A 152 15.47 0.78 -11.54
N ILE A 153 15.61 -0.40 -10.93
CA ILE A 153 16.74 -0.65 -10.02
C ILE A 153 18.01 -0.79 -10.86
N LEU A 154 17.88 -1.50 -11.96
CA LEU A 154 18.92 -1.66 -12.95
C LEU A 154 19.38 -0.35 -13.58
N ARG A 155 18.43 0.55 -13.92
CA ARG A 155 18.78 1.88 -14.38
C ARG A 155 19.48 2.67 -13.32
N LEU A 156 19.05 2.56 -12.06
CA LEU A 156 19.74 3.26 -10.98
C LEU A 156 21.17 2.75 -10.83
N PHE A 157 21.37 1.43 -10.78
CA PHE A 157 22.75 0.96 -10.66
C PHE A 157 23.58 1.31 -11.91
N TYR A 158 22.98 1.24 -13.07
CA TYR A 158 23.71 1.58 -14.28
C TYR A 158 24.20 3.03 -14.27
N GLU A 159 23.36 4.00 -13.87
CA GLU A 159 23.74 5.43 -13.86
C GLU A 159 24.75 5.70 -12.78
N LEU A 160 24.56 5.00 -11.66
CA LEU A 160 25.53 5.15 -10.59
C LEU A 160 26.88 4.62 -11.00
N CYS A 161 26.90 3.45 -11.61
CA CYS A 161 28.18 2.87 -12.07
C CYS A 161 28.86 3.73 -13.12
N SER A 162 28.11 4.26 -14.06
CA SER A 162 28.79 4.87 -15.16
C SER A 162 29.37 6.23 -14.90
N SER A 163 28.91 6.91 -13.82
CA SER A 163 29.48 8.19 -13.41
C SER A 163 30.27 8.14 -12.11
N GLN A 164 29.88 7.30 -11.16
CA GLN A 164 30.57 7.26 -9.85
C GLN A 164 31.48 6.01 -9.62
N GLY A 165 31.41 5.04 -10.53
CA GLY A 165 32.13 3.75 -10.45
C GLY A 165 33.62 3.93 -10.71
N LYS A 166 34.44 3.32 -9.86
CA LYS A 166 35.91 3.34 -10.05
C LYS A 166 36.34 1.98 -10.53
N ARG A 167 37.18 1.96 -11.55
CA ARG A 167 37.73 0.73 -12.08
C ARG A 167 38.84 0.20 -11.15
N VAL A 168 38.59 -0.99 -10.62
CA VAL A 168 39.46 -1.71 -9.67
C VAL A 168 39.65 -3.10 -10.26
N GLY A 169 40.77 -3.30 -10.97
CA GLY A 169 40.91 -4.51 -11.81
C GLY A 169 39.75 -4.55 -12.79
N ASP A 170 39.17 -5.75 -12.99
CA ASP A 170 38.00 -5.93 -13.88
C ASP A 170 36.61 -5.86 -13.22
N THR A 171 36.48 -4.90 -12.31
CA THR A 171 35.23 -4.58 -11.60
C THR A 171 35.15 -3.05 -11.56
N TYR A 172 33.94 -2.50 -11.44
CA TYR A 172 33.67 -1.14 -10.98
C TYR A 172 33.22 -1.17 -9.51
N GLU A 173 33.81 -0.30 -8.68
CA GLU A 173 33.33 -0.10 -7.30
C GLU A 173 32.65 1.26 -7.13
N ILE A 174 31.45 1.28 -6.58
CA ILE A 174 30.75 2.53 -6.23
C ILE A 174 30.79 2.59 -4.72
N THR A 175 31.41 3.60 -4.14
CA THR A 175 31.55 3.70 -2.70
C THR A 175 30.41 4.52 -2.18
N MET A 176 29.44 3.85 -1.59
CA MET A 176 28.18 4.45 -1.31
C MET A 176 27.46 3.43 -0.48
N PRO A 177 27.01 3.84 0.73
CA PRO A 177 26.13 3.06 1.57
C PRO A 177 24.74 3.24 1.03
N LEU A 178 24.29 2.37 0.17
CA LEU A 178 22.97 2.56 -0.37
C LEU A 178 22.19 1.37 0.15
N SER A 179 21.42 1.57 1.24
CA SER A 179 20.63 0.50 1.85
C SER A 179 19.55 0.01 0.91
N GLN A 180 19.00 -1.18 1.13
CA GLN A 180 17.92 -1.67 0.27
C GLN A 180 16.63 -0.88 0.47
N LYS A 181 16.44 -0.36 1.68
CA LYS A 181 15.32 0.52 1.98
C LYS A 181 15.42 1.76 1.08
N SER A 182 16.60 2.37 0.96
CA SER A 182 16.79 3.53 0.09
C SER A 182 16.57 3.21 -1.36
N ILE A 183 17.00 2.03 -1.81
CA ILE A 183 16.78 1.63 -3.19
C ILE A 183 15.27 1.58 -3.49
N GLY A 184 14.51 1.00 -2.54
CA GLY A 184 13.06 0.85 -2.65
C GLY A 184 12.38 2.21 -2.68
N GLU A 185 12.76 3.12 -1.78
CA GLU A 185 12.23 4.50 -1.78
C GLU A 185 12.55 5.31 -3.02
N ILE A 186 13.78 5.20 -3.53
CA ILE A 186 14.17 5.92 -4.76
C ILE A 186 13.35 5.43 -5.98
N THR A 187 13.16 4.11 -6.11
CA THR A 187 12.61 3.53 -7.36
C THR A 187 11.09 3.19 -7.28
N GLY A 188 10.50 3.32 -6.08
CA GLY A 188 9.10 2.97 -5.89
C GLY A 188 8.88 1.48 -6.02
N VAL A 189 9.89 0.70 -5.65
CA VAL A 189 9.79 -0.76 -5.76
C VAL A 189 9.65 -1.33 -4.35
N HIS A 190 8.68 -2.22 -4.19
CA HIS A 190 8.38 -2.78 -2.88
C HIS A 190 9.66 -3.42 -2.28
N HIS A 191 9.86 -3.25 -0.97
CA HIS A 191 11.07 -3.75 -0.32
C HIS A 191 11.34 -5.25 -0.53
N VAL A 192 10.30 -6.05 -0.81
CA VAL A 192 10.48 -7.49 -1.02
C VAL A 192 11.01 -7.81 -2.43
N THR A 193 10.55 -7.05 -3.44
CA THR A 193 11.15 -7.14 -4.79
C THR A 193 12.61 -6.64 -4.85
N VAL A 194 12.96 -5.56 -4.12
CA VAL A 194 14.32 -5.06 -4.08
C VAL A 194 15.24 -6.24 -3.72
N SER A 195 15.02 -6.85 -2.55
CA SER A 195 15.85 -8.02 -2.08
C SER A 195 15.93 -9.17 -3.07
N ARG A 196 14.85 -9.48 -3.75
CA ARG A 196 14.85 -10.50 -4.81
C ARG A 196 15.72 -10.11 -6.03
N VAL A 197 15.57 -8.86 -6.48
CA VAL A 197 16.35 -8.33 -7.62
C VAL A 197 17.84 -8.38 -7.27
N LEU A 198 18.21 -7.98 -6.06
CA LEU A 198 19.60 -7.92 -5.63
C LEU A 198 20.18 -9.33 -5.50
N ALA A 199 19.34 -10.31 -5.11
CA ALA A 199 19.80 -11.70 -4.91
C ALA A 199 20.08 -12.27 -6.25
N SER A 200 19.21 -11.97 -7.20
CA SER A 200 19.35 -12.44 -8.55
C SER A 200 20.57 -11.83 -9.30
N LEU A 201 20.83 -10.55 -8.97
CA LEU A 201 21.98 -9.82 -9.52
C LEU A 201 23.29 -10.49 -9.03
N LYS A 202 23.36 -10.77 -7.73
CA LYS A 202 24.49 -11.52 -7.18
C LYS A 202 24.66 -12.94 -7.78
N ARG A 203 23.60 -13.70 -7.81
CA ARG A 203 23.69 -15.04 -8.37
C ARG A 203 24.16 -15.08 -9.83
N GLU A 204 23.75 -14.08 -10.61
CA GLU A 204 24.13 -14.12 -12.02
C GLU A 204 25.47 -13.47 -12.29
N ASN A 205 26.23 -13.19 -11.23
CA ASN A 205 27.58 -12.55 -11.30
C ASN A 205 27.62 -11.20 -12.03
N ILE A 206 26.67 -10.33 -11.70
CA ILE A 206 26.51 -9.05 -12.37
C ILE A 206 26.96 -7.96 -11.45
N LEU A 207 26.43 -7.99 -10.24
CA LEU A 207 26.57 -6.89 -9.31
C LEU A 207 26.37 -7.47 -7.93
N ASP A 208 27.19 -7.02 -6.99
CA ASP A 208 27.12 -7.38 -5.59
C ASP A 208 26.95 -6.14 -4.74
N LYS A 209 25.80 -6.03 -4.07
CA LYS A 209 25.50 -4.82 -3.31
C LYS A 209 25.84 -5.07 -1.87
N LYS A 210 27.10 -4.85 -1.54
CA LYS A 210 27.61 -4.89 -0.16
C LYS A 210 27.22 -3.64 0.66
N LYS A 211 27.84 -3.41 1.82
CA LYS A 211 27.35 -2.51 2.85
C LYS A 211 27.78 -1.07 2.57
N ASN A 212 29.03 -0.80 2.36
CA ASN A 212 29.60 0.51 2.02
C ASN A 212 30.03 0.62 0.54
N LYS A 213 29.95 -0.48 -0.20
CA LYS A 213 30.37 -0.49 -1.61
C LYS A 213 29.39 -1.30 -2.43
N ILE A 214 29.20 -0.94 -3.68
CA ILE A 214 28.53 -1.80 -4.64
C ILE A 214 29.60 -2.25 -5.63
N ILE A 215 29.72 -3.55 -5.89
CA ILE A 215 30.70 -4.05 -6.90
C ILE A 215 30.06 -4.55 -8.21
N VAL A 216 30.41 -3.96 -9.33
CA VAL A 216 29.88 -4.43 -10.61
C VAL A 216 30.93 -5.27 -11.28
N TYR A 217 30.58 -6.54 -11.51
CA TYR A 217 31.34 -7.52 -12.28
C TYR A 217 31.05 -7.51 -13.76
N ASN A 218 29.85 -7.06 -14.13
CA ASN A 218 29.48 -7.15 -15.53
C ASN A 218 28.67 -5.93 -15.99
N LEU A 219 29.37 -4.86 -16.35
CA LEU A 219 28.75 -3.56 -16.62
C LEU A 219 27.94 -3.70 -17.95
N GLY A 220 28.49 -4.42 -18.90
CA GLY A 220 27.83 -4.70 -20.18
C GLY A 220 26.47 -5.31 -20.01
N GLU A 221 26.36 -6.30 -19.15
CA GLU A 221 25.09 -7.02 -19.05
C GLU A 221 24.14 -6.17 -18.25
N LEU A 222 24.69 -5.49 -17.25
CA LEU A 222 23.90 -4.52 -16.47
C LEU A 222 23.29 -3.42 -17.38
N LYS A 223 24.12 -2.74 -18.17
CA LYS A 223 23.64 -1.81 -19.19
C LYS A 223 22.52 -2.40 -20.07
N HIS A 224 22.74 -3.62 -20.57
CA HIS A 224 21.82 -4.32 -21.40
C HIS A 224 20.48 -4.60 -20.70
N LEU A 225 20.54 -5.15 -19.50
CA LEU A 225 19.32 -5.45 -18.75
C LEU A 225 18.53 -4.18 -18.49
N SER A 226 19.22 -3.08 -18.33
CA SER A 226 18.59 -1.83 -17.95
C SER A 226 17.91 -1.12 -19.15
N GLU A 227 18.20 -1.55 -20.39
CA GLU A 227 17.66 -0.84 -21.60
C GLU A 227 16.73 -1.63 -22.55
N PHE B 19 -4.16 -12.89 7.14
CA PHE B 19 -5.46 -12.17 7.45
C PHE B 19 -6.13 -12.90 8.60
N PHE B 20 -6.97 -12.22 9.37
CA PHE B 20 -7.64 -12.82 10.53
C PHE B 20 -8.49 -14.08 10.14
N PRO B 21 -8.06 -15.32 10.55
CA PRO B 21 -8.88 -16.51 10.19
C PRO B 21 -10.12 -16.53 11.05
N ILE B 22 -11.21 -17.08 10.54
CA ILE B 22 -12.49 -17.11 11.29
C ILE B 22 -12.90 -18.54 11.53
N GLU B 23 -12.10 -19.21 12.36
CA GLU B 23 -12.32 -20.59 12.66
C GLU B 23 -13.73 -20.88 13.16
N LYS B 24 -14.34 -19.91 13.88
CA LYS B 24 -15.69 -20.08 14.39
C LYS B 24 -16.75 -20.24 13.32
N LEU B 25 -16.47 -19.79 12.09
CA LEU B 25 -17.44 -19.94 11.03
C LEU B 25 -17.64 -21.43 10.70
N ARG B 26 -16.71 -22.30 11.14
CA ARG B 26 -16.91 -23.75 10.95
C ARG B 26 -18.17 -24.21 11.71
N ASN B 27 -18.55 -23.51 12.79
CA ASN B 27 -19.80 -23.81 13.52
C ASN B 27 -21.11 -23.52 12.79
N TYR B 28 -21.05 -22.88 11.61
CA TYR B 28 -22.24 -22.35 10.94
C TYR B 28 -22.37 -22.71 9.47
N THR B 29 -21.57 -23.67 9.00
CA THR B 29 -21.62 -24.09 7.58
C THR B 29 -22.95 -24.74 7.12
N GLN B 30 -23.72 -25.30 8.05
CA GLN B 30 -25.08 -25.77 7.78
C GLN B 30 -26.05 -24.65 7.31
N MET B 31 -25.70 -23.39 7.59
CA MET B 31 -26.47 -22.24 7.11
C MET B 31 -26.04 -21.79 5.74
N GLY B 32 -24.92 -22.33 5.22
CA GLY B 32 -24.40 -21.98 3.89
C GLY B 32 -24.41 -23.15 2.93
N LEU B 33 -23.80 -23.01 1.76
CA LEU B 33 -23.82 -24.09 0.78
C LEU B 33 -22.42 -24.67 0.61
N ILE B 34 -22.28 -25.96 0.87
CA ILE B 34 -20.97 -26.58 0.79
C ILE B 34 -20.60 -26.82 -0.69
N ARG B 35 -19.44 -26.36 -1.15
CA ARG B 35 -18.99 -26.67 -2.53
C ARG B 35 -17.53 -27.13 -2.52
N ASP B 36 -17.31 -28.31 -3.08
CA ASP B 36 -16.00 -28.98 -3.17
C ASP B 36 -15.36 -28.81 -4.57
N PHE B 37 -14.04 -28.58 -4.59
CA PHE B 37 -13.29 -28.31 -5.81
C PHE B 37 -12.10 -29.23 -5.87
N ALA B 38 -11.85 -29.74 -7.08
CA ALA B 38 -10.73 -30.64 -7.36
C ALA B 38 -9.52 -29.78 -7.54
N LYS B 39 -8.34 -30.34 -7.26
CA LYS B 39 -7.11 -29.64 -7.61
C LYS B 39 -7.19 -29.07 -9.03
N GLY B 40 -6.83 -27.79 -9.19
CA GLY B 40 -6.86 -27.17 -10.52
C GLY B 40 -8.18 -26.57 -11.02
N SER B 41 -9.30 -26.89 -10.38
CA SER B 41 -10.57 -26.35 -10.81
C SER B 41 -10.80 -24.90 -10.32
N ALA B 42 -11.67 -24.18 -11.02
CA ALA B 42 -11.94 -22.80 -10.71
C ALA B 42 -12.97 -22.65 -9.56
N VAL B 43 -12.55 -21.97 -8.51
CA VAL B 43 -13.49 -21.59 -7.41
C VAL B 43 -14.23 -20.32 -7.89
N ILE B 44 -13.46 -19.38 -8.42
CA ILE B 44 -14.08 -18.23 -9.04
C ILE B 44 -13.56 -18.14 -10.50
N MET B 45 -14.47 -18.11 -11.47
CA MET B 45 -14.04 -18.01 -12.85
C MET B 45 -13.85 -16.63 -13.41
N PRO B 46 -13.03 -16.52 -14.48
CA PRO B 46 -12.81 -15.20 -14.97
C PRO B 46 -14.17 -14.64 -15.31
N GLY B 47 -14.38 -13.39 -14.92
CA GLY B 47 -15.61 -12.71 -15.22
C GLY B 47 -16.84 -13.11 -14.42
N GLU B 48 -16.74 -14.07 -13.51
CA GLU B 48 -17.89 -14.52 -12.71
C GLU B 48 -18.31 -13.41 -11.73
N GLU B 49 -19.62 -13.15 -11.66
CA GLU B 49 -20.16 -12.22 -10.67
C GLU B 49 -20.37 -12.92 -9.35
N ILE B 50 -19.50 -12.59 -8.40
CA ILE B 50 -19.58 -13.22 -7.08
C ILE B 50 -20.40 -12.32 -6.17
N THR B 51 -21.48 -12.89 -5.61
CA THR B 51 -22.30 -12.20 -4.59
C THR B 51 -22.46 -13.06 -3.29
N SER B 52 -21.35 -13.69 -2.87
CA SER B 52 -21.29 -14.58 -1.70
C SER B 52 -19.94 -14.45 -1.00
N MET B 53 -19.90 -14.54 0.35
CA MET B 53 -18.61 -14.79 1.00
C MET B 53 -18.29 -16.28 0.87
N ILE B 54 -16.99 -16.58 0.72
CA ILE B 54 -16.55 -17.95 0.54
C ILE B 54 -15.59 -18.34 1.67
N PHE B 55 -16.06 -19.21 2.58
CA PHE B 55 -15.29 -19.72 3.70
C PHE B 55 -14.56 -20.98 3.22
N LEU B 56 -13.25 -21.01 3.43
CA LEU B 56 -12.42 -22.17 3.06
C LEU B 56 -12.37 -23.12 4.28
N VAL B 57 -13.13 -24.22 4.24
CA VAL B 57 -13.16 -25.26 5.30
C VAL B 57 -11.78 -26.00 5.31
N GLU B 58 -11.27 -26.37 4.13
CA GLU B 58 -10.04 -27.15 4.05
C GLU B 58 -9.59 -27.09 2.63
N GLY B 59 -8.29 -26.95 2.42
CA GLY B 59 -7.78 -26.99 1.07
C GLY B 59 -6.93 -25.78 0.92
N LYS B 60 -6.78 -25.31 -0.32
CA LYS B 60 -5.93 -24.18 -0.61
C LYS B 60 -6.31 -23.51 -1.92
N ILE B 61 -6.44 -22.18 -1.89
CA ILE B 61 -6.89 -21.43 -3.07
C ILE B 61 -5.90 -20.36 -3.43
N LYS B 62 -5.62 -20.24 -4.72
CA LYS B 62 -4.88 -19.07 -5.20
C LYS B 62 -5.85 -18.09 -5.83
N LEU B 63 -5.84 -16.84 -5.39
CA LEU B 63 -6.75 -15.82 -5.90
C LEU B 63 -6.04 -14.66 -6.61
N ASP B 64 -6.27 -14.56 -7.93
CA ASP B 64 -5.66 -13.53 -8.80
C ASP B 64 -6.65 -12.49 -9.27
N ILE B 65 -6.14 -11.30 -9.55
CA ILE B 65 -6.84 -10.29 -10.33
C ILE B 65 -6.42 -10.40 -11.83
N ILE B 66 -7.39 -10.21 -12.74
CA ILE B 66 -7.14 -10.21 -14.17
C ILE B 66 -7.42 -8.79 -14.68
N PHE B 67 -6.42 -8.15 -15.26
CA PHE B 67 -6.60 -6.80 -15.81
C PHE B 67 -7.14 -6.80 -17.27
N GLU B 68 -7.64 -5.64 -17.69
CA GLU B 68 -8.33 -5.48 -18.99
C GLU B 68 -7.44 -5.81 -20.22
N ASP B 69 -6.12 -5.72 -20.03
CA ASP B 69 -5.15 -6.14 -21.06
C ASP B 69 -4.90 -7.63 -21.07
N GLY B 70 -5.40 -8.36 -20.05
CA GLY B 70 -5.20 -9.83 -19.93
C GLY B 70 -4.08 -10.26 -18.98
N SER B 71 -3.36 -9.28 -18.46
CA SER B 71 -2.33 -9.44 -17.49
C SER B 71 -2.96 -9.92 -16.13
N GLU B 72 -2.41 -11.00 -15.57
CA GLU B 72 -2.89 -11.63 -14.36
C GLU B 72 -1.89 -11.41 -13.23
N LYS B 73 -2.37 -11.09 -12.02
CA LYS B 73 -1.51 -10.83 -10.85
C LYS B 73 -2.09 -11.48 -9.58
N LEU B 74 -1.25 -12.17 -8.81
CA LEU B 74 -1.66 -12.67 -7.50
C LEU B 74 -2.24 -11.56 -6.58
N LEU B 75 -3.36 -11.85 -5.91
CA LEU B 75 -3.78 -11.00 -4.77
C LEU B 75 -3.40 -11.67 -3.47
N TYR B 76 -3.77 -12.95 -3.32
CA TYR B 76 -3.36 -13.73 -2.15
C TYR B 76 -3.55 -15.22 -2.28
N TYR B 77 -2.91 -15.95 -1.38
CA TYR B 77 -3.21 -17.37 -1.15
C TYR B 77 -4.12 -17.53 0.06
N ALA B 78 -5.07 -18.46 0.00
CA ALA B 78 -5.92 -18.72 1.14
C ALA B 78 -5.90 -20.21 1.56
N GLY B 79 -5.89 -20.49 2.88
CA GLY B 79 -6.05 -21.88 3.38
C GLY B 79 -7.19 -22.09 4.37
N GLY B 80 -7.11 -23.17 5.14
CA GLY B 80 -8.06 -23.45 6.24
C GLY B 80 -8.44 -22.19 7.00
N ASN B 81 -9.77 -21.97 7.14
CA ASN B 81 -10.41 -20.85 7.92
C ASN B 81 -10.34 -19.43 7.34
N SER B 82 -9.79 -19.34 6.13
CA SER B 82 -9.80 -18.10 5.36
C SER B 82 -11.21 -17.77 4.83
N LEU B 83 -11.43 -16.47 4.63
CA LEU B 83 -12.66 -15.94 4.08
C LEU B 83 -12.35 -15.08 2.84
N ILE B 84 -13.03 -15.40 1.74
CA ILE B 84 -13.11 -14.52 0.57
C ILE B 84 -14.34 -13.60 0.73
N GLY B 85 -14.11 -12.30 0.85
CA GLY B 85 -15.15 -11.33 1.27
C GLY B 85 -15.99 -10.71 0.17
N LYS B 86 -16.10 -11.38 -0.96
CA LYS B 86 -16.72 -10.81 -2.16
C LYS B 86 -18.25 -10.89 -2.26
N LEU B 87 -18.91 -10.30 -1.27
CA LEU B 87 -20.36 -10.39 -1.12
C LEU B 87 -21.08 -9.53 -2.15
N TYR B 88 -20.38 -8.51 -2.67
CA TYR B 88 -20.95 -7.54 -3.64
C TYR B 88 -19.95 -7.39 -4.79
N PRO B 89 -20.46 -7.00 -5.99
CA PRO B 89 -19.56 -6.72 -7.14
C PRO B 89 -18.59 -5.62 -6.81
N THR B 90 -17.32 -5.82 -7.13
CA THR B 90 -16.32 -4.79 -6.89
C THR B 90 -15.80 -4.08 -8.18
N GLY B 91 -16.01 -4.73 -9.33
CA GLY B 91 -15.51 -4.19 -10.59
C GLY B 91 -14.08 -4.61 -10.86
N ASN B 92 -13.49 -5.49 -10.01
CA ASN B 92 -12.27 -6.18 -10.40
C ASN B 92 -12.66 -7.51 -11.00
N ASN B 93 -11.88 -7.95 -11.97
CA ASN B 93 -12.05 -9.28 -12.53
C ASN B 93 -11.17 -10.22 -11.72
N ILE B 94 -11.78 -11.21 -11.08
CA ILE B 94 -11.04 -12.06 -10.15
C ILE B 94 -11.12 -13.49 -10.66
N TYR B 95 -10.04 -14.24 -10.47
CA TYR B 95 -10.00 -15.64 -10.86
C TYR B 95 -9.34 -16.37 -9.71
N ALA B 96 -9.94 -17.47 -9.24
CA ALA B 96 -9.44 -18.15 -8.05
C ALA B 96 -9.46 -19.62 -8.31
N THR B 97 -8.34 -20.31 -8.10
CA THR B 97 -8.23 -21.74 -8.44
C THR B 97 -7.91 -22.58 -7.22
N ALA B 98 -8.42 -23.79 -7.17
CA ALA B 98 -8.07 -24.75 -6.13
C ALA B 98 -6.65 -25.28 -6.37
N MET B 99 -5.80 -25.19 -5.35
CA MET B 99 -4.40 -25.66 -5.46
C MET B 99 -4.22 -27.07 -4.95
N GLU B 100 -5.26 -27.52 -4.24
CA GLU B 100 -5.37 -28.85 -3.67
C GLU B 100 -6.84 -29.14 -3.71
N PRO B 101 -7.20 -30.39 -3.42
CA PRO B 101 -8.64 -30.61 -3.25
C PRO B 101 -9.18 -29.67 -2.11
N THR B 102 -10.28 -28.94 -2.35
CA THR B 102 -10.73 -27.91 -1.39
C THR B 102 -12.22 -28.00 -1.10
N ARG B 103 -12.58 -27.87 0.18
CA ARG B 103 -13.97 -27.74 0.61
C ARG B 103 -14.28 -26.28 0.98
N THR B 104 -15.40 -25.76 0.45
CA THR B 104 -15.73 -24.35 0.68
C THR B 104 -17.20 -24.30 1.16
N CYS B 105 -17.57 -23.21 1.83
CA CYS B 105 -18.95 -22.97 2.17
C CYS B 105 -19.25 -21.56 1.68
N TRP B 106 -20.30 -21.47 0.87
CA TRP B 106 -20.71 -20.23 0.24
C TRP B 106 -21.86 -19.65 1.09
N PHE B 107 -21.70 -18.38 1.49
CA PHE B 107 -22.71 -17.68 2.29
C PHE B 107 -23.20 -16.48 1.50
N SER B 108 -24.41 -16.55 0.97
CA SER B 108 -25.14 -15.35 0.43
C SER B 108 -25.52 -14.34 1.53
N GLU B 109 -26.02 -13.16 1.13
CA GLU B 109 -26.42 -12.16 2.12
C GLU B 109 -27.50 -12.74 3.04
N LYS B 110 -28.45 -13.47 2.45
CA LYS B 110 -29.56 -14.09 3.21
C LYS B 110 -29.05 -15.11 4.19
N SER B 111 -28.15 -15.93 3.72
CA SER B 111 -27.65 -16.97 4.60
C SER B 111 -26.76 -16.36 5.73
N LEU B 112 -26.05 -15.27 5.45
CA LEU B 112 -25.33 -14.49 6.49
C LEU B 112 -26.22 -13.86 7.53
N ARG B 113 -27.34 -13.29 7.10
CA ARG B 113 -28.36 -12.87 8.09
C ARG B 113 -28.80 -14.01 9.05
N THR B 114 -29.00 -15.21 8.54
CA THR B 114 -29.32 -16.36 9.39
C THR B 114 -28.17 -16.66 10.39
N VAL B 115 -26.91 -16.58 9.92
CA VAL B 115 -25.75 -16.73 10.83
C VAL B 115 -25.81 -15.66 11.94
N PHE B 116 -25.92 -14.39 11.55
CA PHE B 116 -25.88 -13.32 12.57
C PHE B 116 -27.03 -13.38 13.58
N ARG B 117 -28.23 -13.82 13.16
CA ARG B 117 -29.39 -14.05 14.07
C ARG B 117 -29.10 -15.10 15.14
N THR B 118 -28.23 -16.04 14.80
CA THR B 118 -27.75 -17.05 15.77
C THR B 118 -26.60 -16.63 16.64
N ASP B 119 -25.68 -15.85 16.08
CA ASP B 119 -24.53 -15.44 16.81
C ASP B 119 -24.09 -14.08 16.26
N GLU B 120 -24.41 -13.06 17.05
CA GLU B 120 -24.15 -11.67 16.71
C GLU B 120 -22.65 -11.42 16.61
N ASP B 121 -21.85 -12.18 17.36
CA ASP B 121 -20.37 -11.97 17.31
C ASP B 121 -19.77 -12.26 15.94
N MET B 122 -20.43 -13.05 15.08
CA MET B 122 -19.85 -13.36 13.76
C MET B 122 -19.80 -12.11 12.88
N ILE B 123 -20.62 -11.12 13.21
CA ILE B 123 -20.56 -9.83 12.47
C ILE B 123 -19.17 -9.24 12.63
N PHE B 124 -18.70 -9.24 13.88
CA PHE B 124 -17.46 -8.52 14.27
C PHE B 124 -16.21 -9.28 13.89
N GLU B 125 -16.32 -10.61 13.89
CA GLU B 125 -15.29 -11.50 13.32
C GLU B 125 -15.05 -11.19 11.85
N ILE B 126 -16.12 -10.89 11.14
CA ILE B 126 -15.98 -10.55 9.72
C ILE B 126 -15.42 -9.15 9.50
N PHE B 127 -15.82 -8.19 10.34
CA PHE B 127 -15.19 -6.88 10.37
C PHE B 127 -13.64 -6.98 10.58
N LYS B 128 -13.20 -7.74 11.60
CA LYS B 128 -11.75 -7.98 11.84
C LYS B 128 -11.08 -8.58 10.61
N ASN B 129 -11.64 -9.61 9.99
CA ASN B 129 -11.10 -10.15 8.72
C ASN B 129 -10.91 -9.07 7.62
N TYR B 130 -11.95 -8.26 7.41
CA TYR B 130 -11.89 -7.21 6.44
C TYR B 130 -10.79 -6.18 6.77
N LEU B 131 -10.77 -5.73 8.03
CA LEU B 131 -9.87 -4.73 8.53
C LEU B 131 -8.40 -5.21 8.38
N THR B 132 -8.13 -6.47 8.70
CA THR B 132 -6.80 -7.05 8.46
C THR B 132 -6.37 -6.98 6.97
N LYS B 133 -7.33 -7.13 6.05
CA LYS B 133 -7.03 -7.03 4.61
C LYS B 133 -6.76 -5.58 4.18
N VAL B 134 -7.53 -4.60 4.67
CA VAL B 134 -7.32 -3.20 4.31
C VAL B 134 -5.94 -2.76 4.90
N ALA B 135 -5.63 -3.22 6.11
CA ALA B 135 -4.46 -2.82 6.84
C ALA B 135 -3.23 -3.29 6.10
N TYR B 136 -3.30 -4.51 5.57
CA TYR B 136 -2.23 -5.11 4.76
C TYR B 136 -1.97 -4.44 3.40
N TYR B 137 -3.03 -4.21 2.60
CA TYR B 137 -2.87 -3.60 1.32
C TYR B 137 -2.59 -2.13 1.34
N ALA B 138 -3.21 -1.41 2.29
CA ALA B 138 -2.99 0.02 2.46
C ALA B 138 -1.57 0.35 2.89
N ARG B 139 -0.97 -0.48 3.78
CA ARG B 139 0.39 -0.24 4.20
C ARG B 139 1.36 -0.35 3.02
N GLN B 140 1.16 -1.36 2.17
CA GLN B 140 1.98 -1.56 0.91
C GLN B 140 1.87 -0.36 -0.08
N VAL B 141 0.64 0.13 -0.30
CA VAL B 141 0.41 1.28 -1.15
C VAL B 141 1.15 2.49 -0.55
N ALA B 142 1.02 2.68 0.77
CA ALA B 142 1.65 3.80 1.47
C ALA B 142 3.16 3.75 1.42
N GLU B 143 3.74 2.56 1.54
CA GLU B 143 5.18 2.41 1.59
C GLU B 143 5.77 2.95 0.28
N MET B 144 5.15 2.65 -0.84
CA MET B 144 5.70 2.99 -2.12
C MET B 144 5.49 4.44 -2.63
N ASN B 145 5.05 5.33 -1.73
CA ASN B 145 4.84 6.77 -2.01
C ASN B 145 3.93 7.02 -3.21
N THR B 146 2.94 6.14 -3.35
CA THR B 146 2.05 6.14 -4.49
C THR B 146 1.42 7.49 -4.70
N TYR B 147 1.11 8.21 -3.62
CA TYR B 147 0.39 9.48 -3.72
C TYR B 147 1.29 10.76 -3.65
N ASN B 148 2.57 10.57 -3.36
CA ASN B 148 3.54 11.64 -3.27
C ASN B 148 4.84 11.18 -3.96
N PRO B 149 4.79 10.78 -5.23
CA PRO B 149 5.95 10.19 -5.89
C PRO B 149 7.16 11.11 -6.18
N THR B 150 6.97 12.40 -6.00
CA THR B 150 8.01 13.41 -6.00
C THR B 150 9.10 13.12 -4.97
N ILE B 151 8.70 12.53 -3.87
CA ILE B 151 9.61 12.20 -2.81
C ILE B 151 10.76 11.31 -3.26
N ARG B 152 10.46 10.40 -4.20
CA ARG B 152 11.50 9.51 -4.77
C ARG B 152 12.60 10.30 -5.47
N ILE B 153 12.24 11.43 -6.12
CA ILE B 153 13.22 12.33 -6.65
C ILE B 153 14.10 13.01 -5.59
N LEU B 154 13.49 13.51 -4.52
CA LEU B 154 14.28 14.15 -3.46
C LEU B 154 15.21 13.16 -2.82
N ARG B 155 14.71 11.95 -2.65
CA ARG B 155 15.52 10.89 -2.01
C ARG B 155 16.75 10.51 -2.86
N LEU B 156 16.58 10.47 -4.17
CA LEU B 156 17.66 10.21 -5.12
C LEU B 156 18.76 11.28 -4.95
N PHE B 157 18.35 12.55 -4.89
CA PHE B 157 19.29 13.60 -4.83
C PHE B 157 20.00 13.62 -3.46
N TYR B 158 19.24 13.31 -2.40
CA TYR B 158 19.71 13.32 -1.02
C TYR B 158 20.77 12.20 -0.84
N GLU B 159 20.47 11.00 -1.29
CA GLU B 159 21.44 9.89 -1.23
C GLU B 159 22.72 10.21 -2.00
N LEU B 160 22.57 10.70 -3.23
CA LEU B 160 23.73 11.06 -4.06
C LEU B 160 24.61 12.11 -3.41
N CYS B 161 23.99 13.10 -2.80
CA CYS B 161 24.74 14.21 -2.23
C CYS B 161 25.47 13.81 -0.95
N SER B 162 24.78 13.05 -0.12
CA SER B 162 25.33 12.74 1.19
C SER B 162 26.55 11.80 1.03
N SER B 163 26.51 10.89 0.04
CA SER B 163 27.67 10.05 -0.24
C SER B 163 28.67 10.49 -1.31
N GLN B 164 28.25 11.24 -2.34
CA GLN B 164 29.17 11.63 -3.41
C GLN B 164 29.49 13.14 -3.42
N GLY B 165 28.70 13.92 -2.69
CA GLY B 165 28.87 15.38 -2.62
C GLY B 165 30.21 15.82 -2.06
N LYS B 166 30.86 16.74 -2.76
CA LYS B 166 32.04 17.44 -2.27
C LYS B 166 31.65 18.86 -1.83
N ARG B 167 31.96 19.18 -0.57
CA ARG B 167 31.61 20.48 0.06
C ARG B 167 32.54 21.63 -0.36
N VAL B 168 31.94 22.72 -0.81
CA VAL B 168 32.63 23.89 -1.41
C VAL B 168 32.02 25.16 -0.78
N GLY B 169 32.59 25.63 0.32
CA GLY B 169 31.93 26.69 1.11
C GLY B 169 30.64 26.16 1.74
N ASP B 170 29.51 26.80 1.39
CA ASP B 170 28.20 26.41 1.93
C ASP B 170 27.35 25.60 0.89
N THR B 171 28.04 24.76 0.08
CA THR B 171 27.43 24.05 -1.08
C THR B 171 28.06 22.67 -1.39
N TYR B 172 27.35 21.82 -2.11
CA TYR B 172 27.91 20.51 -2.53
C TYR B 172 27.90 20.37 -4.04
N GLU B 173 28.99 19.89 -4.59
CA GLU B 173 29.04 19.53 -5.98
C GLU B 173 29.09 18.04 -6.19
N ILE B 174 28.19 17.58 -7.07
CA ILE B 174 28.22 16.22 -7.53
C ILE B 174 28.44 16.23 -9.04
N THR B 175 29.38 15.41 -9.50
CA THR B 175 29.68 15.26 -10.91
C THR B 175 28.93 14.10 -11.56
N MET B 176 27.84 14.43 -12.20
CA MET B 176 26.93 13.40 -12.68
C MET B 176 26.07 13.91 -13.84
N PRO B 177 26.37 13.40 -15.06
CA PRO B 177 25.49 13.64 -16.21
C PRO B 177 24.26 12.83 -16.00
N LEU B 178 23.13 13.51 -15.83
CA LEU B 178 21.89 12.86 -15.47
C LEU B 178 20.77 13.60 -16.10
N SER B 179 20.14 13.03 -17.12
CA SER B 179 19.06 13.75 -17.74
C SER B 179 17.71 13.64 -16.96
N GLN B 180 16.76 14.54 -17.26
CA GLN B 180 15.41 14.47 -16.68
C GLN B 180 14.73 13.16 -17.08
N LYS B 181 14.95 12.73 -18.33
CA LYS B 181 14.45 11.46 -18.80
C LYS B 181 14.98 10.29 -17.93
N SER B 182 16.27 10.27 -17.62
CA SER B 182 16.83 9.35 -16.63
C SER B 182 16.25 9.43 -15.22
N ILE B 183 16.10 10.63 -14.68
CA ILE B 183 15.47 10.77 -13.37
C ILE B 183 14.07 10.07 -13.43
N GLY B 184 13.26 10.36 -14.45
CA GLY B 184 11.91 9.77 -14.52
C GLY B 184 11.90 8.23 -14.64
N GLU B 185 12.82 7.68 -15.43
CA GLU B 185 12.98 6.23 -15.61
C GLU B 185 13.44 5.49 -14.36
N ILE B 186 14.33 6.11 -13.59
CA ILE B 186 14.78 5.62 -12.27
C ILE B 186 13.67 5.61 -11.19
N THR B 187 12.95 6.73 -11.08
CA THR B 187 12.03 6.96 -9.95
C THR B 187 10.60 6.47 -10.31
N GLY B 188 10.34 6.17 -11.58
CA GLY B 188 8.98 5.88 -12.07
C GLY B 188 8.06 7.10 -12.05
N VAL B 189 8.62 8.28 -12.28
CA VAL B 189 7.90 9.54 -12.16
C VAL B 189 7.74 10.19 -13.56
N HIS B 190 6.54 10.71 -13.84
CA HIS B 190 6.20 11.18 -15.16
C HIS B 190 7.15 12.36 -15.47
N HIS B 191 7.58 12.51 -16.72
CA HIS B 191 8.58 13.54 -17.05
C HIS B 191 8.08 14.99 -16.75
N VAL B 192 6.77 15.23 -16.89
CA VAL B 192 6.23 16.53 -16.56
C VAL B 192 6.43 16.85 -15.07
N THR B 193 6.16 15.88 -14.19
CA THR B 193 6.40 16.06 -12.75
C THR B 193 7.92 16.24 -12.50
N VAL B 194 8.76 15.46 -13.18
CA VAL B 194 10.19 15.61 -13.08
C VAL B 194 10.54 17.07 -13.41
N SER B 195 10.11 17.59 -14.58
CA SER B 195 10.43 18.99 -14.92
C SER B 195 9.98 19.98 -13.85
N ARG B 196 8.83 19.74 -13.23
CA ARG B 196 8.26 20.72 -12.26
C ARG B 196 9.09 20.70 -10.95
N VAL B 197 9.46 19.51 -10.52
CA VAL B 197 10.29 19.33 -9.31
C VAL B 197 11.68 20.01 -9.46
N LEU B 198 12.38 19.79 -10.59
CA LEU B 198 13.73 20.40 -10.87
C LEU B 198 13.65 21.93 -10.93
N ALA B 199 12.62 22.46 -11.64
CA ALA B 199 12.35 23.90 -11.65
C ALA B 199 12.10 24.51 -10.26
N SER B 200 11.28 23.83 -9.43
CA SER B 200 11.01 24.32 -8.05
C SER B 200 12.27 24.21 -7.19
N LEU B 201 13.02 23.11 -7.34
CA LEU B 201 14.27 22.99 -6.52
C LEU B 201 15.24 24.18 -6.76
N LYS B 202 15.39 24.54 -8.03
CA LYS B 202 16.25 25.60 -8.42
C LYS B 202 15.73 27.02 -8.01
N ARG B 203 14.43 27.26 -8.20
CA ARG B 203 13.79 28.50 -7.77
C ARG B 203 13.96 28.75 -6.27
N GLU B 204 13.74 27.72 -5.46
CA GLU B 204 13.84 27.78 -4.00
C GLU B 204 15.31 27.72 -3.50
N ASN B 205 16.25 27.81 -4.45
CA ASN B 205 17.69 27.78 -4.16
C ASN B 205 18.10 26.55 -3.32
N ILE B 206 17.47 25.40 -3.59
CA ILE B 206 17.82 24.15 -2.95
C ILE B 206 18.90 23.42 -3.74
N LEU B 207 18.65 23.21 -5.04
CA LEU B 207 19.55 22.40 -5.85
C LEU B 207 19.42 22.87 -7.28
N ASP B 208 20.51 22.90 -8.01
CA ASP B 208 20.50 23.22 -9.41
C ASP B 208 21.30 22.13 -10.19
N LYS B 209 20.77 21.64 -11.29
CA LYS B 209 21.53 20.66 -12.07
C LYS B 209 22.02 21.45 -13.26
N LYS B 210 23.29 21.85 -13.25
CA LYS B 210 23.88 22.71 -14.26
C LYS B 210 24.83 21.92 -15.19
N LYS B 211 24.46 21.68 -16.47
CA LYS B 211 25.19 20.78 -17.35
C LYS B 211 25.37 19.41 -16.63
N ASN B 212 26.62 18.94 -16.46
CA ASN B 212 26.93 17.65 -15.79
C ASN B 212 27.23 17.74 -14.27
N LYS B 213 26.87 18.82 -13.63
CA LYS B 213 27.16 19.00 -12.23
C LYS B 213 25.85 19.30 -11.47
N ILE B 214 25.60 18.54 -10.41
CA ILE B 214 24.51 18.80 -9.47
C ILE B 214 25.14 19.63 -8.33
N ILE B 215 24.61 20.84 -8.10
CA ILE B 215 24.97 21.68 -6.97
C ILE B 215 23.80 21.72 -5.98
N VAL B 216 24.09 21.34 -4.74
CA VAL B 216 23.14 21.41 -3.64
C VAL B 216 23.51 22.61 -2.75
N TYR B 217 22.62 23.59 -2.68
CA TYR B 217 22.83 24.76 -1.83
C TYR B 217 22.38 24.55 -0.43
N ASN B 218 21.41 23.66 -0.23
CA ASN B 218 20.76 23.50 1.05
C ASN B 218 20.45 22.01 1.23
N LEU B 219 21.44 21.26 1.75
CA LEU B 219 21.34 19.82 1.99
C LEU B 219 20.33 19.57 3.11
N GLY B 220 20.40 20.42 4.15
CA GLY B 220 19.49 20.35 5.29
C GLY B 220 18.03 20.35 4.84
N GLU B 221 17.66 21.32 4.01
CA GLU B 221 16.30 21.42 3.49
C GLU B 221 15.92 20.24 2.58
N LEU B 222 16.84 19.82 1.72
CA LEU B 222 16.61 18.68 0.83
C LEU B 222 16.40 17.43 1.65
N LYS B 223 17.17 17.30 2.73
CA LYS B 223 17.06 16.18 3.68
C LYS B 223 15.71 16.19 4.38
N HIS B 224 15.28 17.37 4.85
CA HIS B 224 13.95 17.59 5.43
C HIS B 224 12.80 17.15 4.49
N LEU B 225 12.81 17.66 3.26
CA LEU B 225 11.79 17.30 2.28
C LEU B 225 11.68 15.82 1.94
N SER B 226 12.82 15.11 1.87
CA SER B 226 12.79 13.73 1.36
C SER B 226 12.30 12.67 2.34
O2 3C4 C . -4.14 0.11 9.90
C 3C4 C . -5.11 0.84 9.75
O1 3C4 C . -5.63 1.40 10.73
CG 3C4 C . -5.61 0.96 8.33
CA 3C4 C . -6.98 1.57 8.10
CD2 3C4 C . -7.11 2.94 8.09
CE2 3C4 C . -8.24 3.53 7.90
CZ 3C4 C . -9.48 2.77 7.60
OH 3C4 C . -10.76 3.33 7.34
CL 3C4 C . -10.63 0.31 7.34
CE1 3C4 C . -9.25 1.29 7.63
CD1 3C4 C . -8.03 0.76 7.86
O2 3C4 D . -12.19 -7.03 -6.03
C 3C4 D . -12.15 -8.00 -5.29
O1 3C4 D . -12.97 -8.93 -5.41
CG 3C4 D . -11.09 -7.94 -4.21
CA 3C4 D . -11.18 -8.93 -3.06
CD2 3C4 D . -10.70 -10.21 -3.22
CE2 3C4 D . -10.74 -11.08 -2.29
CZ 3C4 D . -11.26 -10.77 -0.94
OH 3C4 D . -11.30 -11.67 0.17
CL 3C4 D . -12.41 -8.90 0.70
CE1 3C4 D . -11.76 -9.37 -0.84
CD1 3C4 D . -11.70 -8.51 -1.87
#